data_9EED
#
_entry.id   9EED
#
_cell.length_a   76.713
_cell.length_b   76.713
_cell.length_c   58.923
_cell.angle_alpha   90.00
_cell.angle_beta   90.00
_cell.angle_gamma   90.00
#
_symmetry.space_group_name_H-M   'P 41'
#
loop_
_entity.id
_entity.type
_entity.pdbx_description
1 polymer 'Kinase domain protein'
2 non-polymer 4-[(3S)-1-AZABICYCLO[2.2.2]OCT-3-YLAMINO]-3-(1H-BENZIMIDAZOL-2-YL)-6-CHLOROQUINOLIN-2(1H)-ONE
3 non-polymer 'SULFATE ION'
4 water water
#
_entity_poly.entity_id   1
_entity_poly.type   'polypeptide(L)'
_entity_poly.pdbx_seq_one_letter_code
;SMSLAATAWQRLEALFHRACQLPAAEREAFARAQAGDDASLRDDLLAMLAVESQATLRVRAPLKQAVAALRAPLPELPAG
TRFGAWAIDRLIGAGGMGQVYLGHRADGAYEREVAIKLVAADALDAQGRALFEFECRLLAQMVHPAIAQIHDVGTDAHGQ
PYLVAEYLRGEPITWWCDEHRLSLHARVLLMLRVGEAVQHAHQKGVIHRDLKPSNVLVSEIDGRPMPGVIDFGIAVDATN
PGMTYAHDRGTPGYMSPEQARGAQDVDARSDIYALGAMFYELSCGLAPVAGRDGVPQPPSQRVAAVPADARARICAARAT
TYQKLHEQLRDGLDAIVLRALEPQPGARYASVSALLDDLHRWLD
;
_entity_poly.pdbx_strand_id   A
#
# COMPACT_ATOMS: atom_id res chain seq x y z
N PHE A 83 -18.61 -16.34 16.00
CA PHE A 83 -17.82 -16.79 14.83
C PHE A 83 -16.55 -17.51 15.31
N GLY A 84 -16.67 -18.73 15.82
CA GLY A 84 -15.49 -19.53 16.24
C GLY A 84 -14.99 -19.07 17.58
N ALA A 85 -13.68 -18.96 17.78
CA ALA A 85 -13.15 -18.36 19.02
C ALA A 85 -13.32 -16.86 18.92
N TRP A 86 -13.84 -16.36 17.80
CA TRP A 86 -13.85 -14.90 17.49
C TRP A 86 -15.28 -14.38 17.44
N ALA A 87 -15.45 -13.08 17.72
CA ALA A 87 -16.76 -12.42 17.91
C ALA A 87 -16.81 -11.06 17.21
N ILE A 88 -17.70 -10.89 16.24
CA ILE A 88 -17.82 -9.65 15.43
C ILE A 88 -18.30 -8.50 16.33
N ASP A 89 -17.65 -7.34 16.22
CA ASP A 89 -17.96 -6.08 16.94
C ASP A 89 -18.62 -5.10 15.98
N ARG A 90 -17.96 -4.75 14.86
CA ARG A 90 -18.49 -3.80 13.91
C ARG A 90 -17.90 -4.07 12.52
N LEU A 91 -18.60 -3.61 11.47
CA LEU A 91 -18.10 -3.61 10.11
C LEU A 91 -17.10 -2.48 9.91
N ILE A 92 -16.05 -2.71 9.11
CA ILE A 92 -15.06 -1.66 8.85
C ILE A 92 -14.67 -1.60 7.36
N GLY A 93 -15.21 -2.47 6.51
CA GLY A 93 -14.85 -2.46 5.10
C GLY A 93 -15.78 -3.37 4.28
N ALA A 94 -15.89 -3.08 2.99
CA ALA A 94 -16.68 -3.91 2.07
C ALA A 94 -16.02 -3.93 0.69
N GLY A 95 -16.26 -5.00 -0.07
CA GLY A 95 -15.62 -5.18 -1.37
C GLY A 95 -16.60 -5.66 -2.44
N GLY A 96 -17.88 -5.89 -2.06
CA GLY A 96 -18.87 -6.48 -2.95
C GLY A 96 -18.74 -8.00 -3.03
N MET A 97 -17.51 -8.50 -2.82
CA MET A 97 -17.19 -9.91 -2.79
C MET A 97 -16.56 -10.29 -1.45
N GLY A 98 -16.50 -9.33 -0.52
CA GLY A 98 -16.07 -9.62 0.84
C GLY A 98 -16.29 -8.43 1.77
N GLN A 99 -16.38 -8.72 3.07
CA GLN A 99 -16.42 -7.70 4.10
C GLN A 99 -15.30 -7.90 5.13
N VAL A 100 -14.83 -6.80 5.73
CA VAL A 100 -13.92 -6.87 6.85
C VAL A 100 -14.64 -6.32 8.09
N TYR A 101 -14.60 -7.10 9.18
CA TYR A 101 -15.12 -6.64 10.47
C TYR A 101 -14.02 -6.48 11.51
N LEU A 102 -14.26 -5.55 12.45
CA LEU A 102 -13.55 -5.54 13.72
C LEU A 102 -14.16 -6.62 14.59
N GLY A 103 -13.31 -7.43 15.22
CA GLY A 103 -13.70 -8.56 16.07
C GLY A 103 -12.84 -8.65 17.30
N HIS A 104 -12.93 -9.76 18.03
CA HIS A 104 -12.18 -10.02 19.28
C HIS A 104 -12.37 -11.45 19.74
N ARG A 105 -11.30 -12.08 20.26
CA ARG A 105 -11.39 -13.23 21.20
C ARG A 105 -11.80 -12.70 22.57
N ARG A 112 -7.58 -10.07 22.50
CA ARG A 112 -6.93 -9.62 21.25
C ARG A 112 -7.99 -9.08 20.28
N GLU A 113 -7.79 -7.86 19.77
CA GLU A 113 -8.70 -7.29 18.73
C GLU A 113 -8.22 -7.83 17.39
N VAL A 114 -9.14 -8.26 16.53
CA VAL A 114 -8.75 -8.81 15.24
C VAL A 114 -9.52 -8.12 14.12
N ALA A 115 -9.05 -8.28 12.88
CA ALA A 115 -9.85 -8.10 11.66
C ALA A 115 -10.34 -9.47 11.22
N ILE A 116 -11.58 -9.55 10.75
CA ILE A 116 -12.17 -10.83 10.25
C ILE A 116 -12.68 -10.58 8.83
N LYS A 117 -11.94 -11.05 7.84
CA LYS A 117 -12.27 -10.86 6.41
C LYS A 117 -13.16 -12.02 5.95
N LEU A 118 -14.39 -11.75 5.52
CA LEU A 118 -15.29 -12.78 4.95
C LEU A 118 -15.23 -12.68 3.43
N VAL A 119 -15.21 -13.80 2.72
CA VAL A 119 -15.21 -13.84 1.23
C VAL A 119 -16.57 -14.39 0.81
N ALA A 120 -17.23 -13.81 -0.17
CA ALA A 120 -18.51 -14.28 -0.65
C ALA A 120 -18.37 -15.77 -1.01
N ALA A 121 -19.42 -16.54 -0.77
CA ALA A 121 -19.35 -18.01 -0.94
C ALA A 121 -19.15 -18.44 -2.39
N ASP A 122 -19.68 -17.67 -3.33
CA ASP A 122 -19.61 -18.04 -4.76
C ASP A 122 -18.43 -17.37 -5.45
N ALA A 123 -17.53 -16.77 -4.69
CA ALA A 123 -16.43 -16.02 -5.32
C ALA A 123 -15.28 -16.94 -5.69
N LEU A 124 -15.11 -18.03 -4.95
CA LEU A 124 -13.95 -18.91 -5.19
C LEU A 124 -14.42 -20.34 -5.46
N ASP A 125 -14.00 -20.89 -6.59
CA ASP A 125 -14.32 -22.30 -6.92
C ASP A 125 -13.31 -23.19 -6.20
N ALA A 126 -13.34 -24.48 -6.48
CA ALA A 126 -12.43 -25.43 -5.79
C ALA A 126 -10.98 -24.96 -5.94
N GLN A 127 -10.61 -24.50 -7.14
CA GLN A 127 -9.21 -24.08 -7.41
C GLN A 127 -8.91 -22.76 -6.69
N GLY A 128 -9.81 -21.79 -6.79
CA GLY A 128 -9.64 -20.52 -6.07
C GLY A 128 -9.51 -20.75 -4.59
N ARG A 129 -10.26 -21.72 -4.06
CA ARG A 129 -10.23 -21.98 -2.63
C ARG A 129 -8.90 -22.59 -2.21
N ALA A 130 -8.38 -23.49 -3.04
CA ALA A 130 -7.03 -24.03 -2.88
C ALA A 130 -6.01 -22.92 -2.92
N LEU A 131 -6.11 -22.04 -3.93
CA LEU A 131 -5.15 -20.96 -4.05
C LEU A 131 -5.22 -20.06 -2.81
N PHE A 132 -6.44 -19.77 -2.33
CA PHE A 132 -6.64 -18.90 -1.17
C PHE A 132 -5.98 -19.50 0.08
N GLU A 133 -6.16 -20.80 0.33
CA GLU A 133 -5.63 -21.43 1.53
C GLU A 133 -4.11 -21.39 1.51
N PHE A 134 -3.51 -21.73 0.36
CA PHE A 134 -2.07 -21.71 0.16
C PHE A 134 -1.49 -20.31 0.44
N GLU A 135 -2.04 -19.27 -0.19
CA GLU A 135 -1.51 -17.92 -0.04
C GLU A 135 -1.72 -17.45 1.41
N CYS A 136 -2.83 -17.83 2.03
CA CYS A 136 -3.01 -17.56 3.44
C CYS A 136 -1.88 -18.19 4.27
N ARG A 137 -1.44 -19.40 3.89
CA ARG A 137 -0.31 -20.07 4.54
C ARG A 137 0.95 -19.23 4.41
N LEU A 138 1.28 -18.84 3.16
CA LEU A 138 2.45 -17.99 2.86
C LEU A 138 2.44 -16.75 3.75
N LEU A 139 1.29 -16.08 3.83
CA LEU A 139 1.15 -14.89 4.67
C LEU A 139 1.45 -15.22 6.12
N ALA A 140 0.98 -16.38 6.58
CA ALA A 140 1.07 -16.78 7.97
C ALA A 140 2.53 -16.99 8.39
N GLN A 141 3.42 -17.13 7.42
CA GLN A 141 4.85 -17.49 7.62
C GLN A 141 5.67 -16.21 7.79
N MET A 142 5.25 -15.13 7.15
CA MET A 142 5.84 -13.79 7.37
C MET A 142 5.87 -13.49 8.88
N VAL A 143 7.05 -13.14 9.36
CA VAL A 143 7.30 -12.55 10.70
C VAL A 143 8.03 -11.22 10.48
N HIS A 144 7.28 -10.11 10.49
CA HIS A 144 7.82 -8.75 10.30
C HIS A 144 6.99 -7.81 11.18
N PRO A 145 7.58 -6.80 11.84
CA PRO A 145 6.83 -5.93 12.74
C PRO A 145 5.75 -5.13 12.05
N ALA A 146 5.87 -4.91 10.73
CA ALA A 146 4.94 -4.10 9.97
C ALA A 146 3.87 -4.92 9.23
N ILE A 147 3.76 -6.22 9.55
CA ILE A 147 2.75 -7.03 8.88
C ILE A 147 1.93 -7.78 9.92
N ALA A 148 0.60 -7.70 9.77
CA ALA A 148 -0.34 -8.32 10.69
C ALA A 148 -0.14 -9.83 10.73
N GLN A 149 -0.14 -10.39 11.94
CA GLN A 149 -0.12 -11.84 12.12
C GLN A 149 -1.46 -12.43 11.66
N ILE A 150 -1.42 -13.73 11.36
CA ILE A 150 -2.57 -14.49 10.88
C ILE A 150 -2.93 -15.53 11.92
N HIS A 151 -4.12 -15.39 12.50
CA HIS A 151 -4.53 -16.22 13.61
C HIS A 151 -5.33 -17.43 13.12
N ASP A 152 -6.08 -17.27 12.02
CA ASP A 152 -6.97 -18.35 11.61
C ASP A 152 -7.48 -18.16 10.17
N VAL A 153 -7.80 -19.32 9.57
CA VAL A 153 -8.29 -19.39 8.21
C VAL A 153 -9.31 -20.50 8.16
N GLY A 154 -10.45 -20.28 7.51
CA GLY A 154 -11.47 -21.34 7.45
C GLY A 154 -12.62 -21.00 6.52
N THR A 155 -13.68 -21.79 6.63
CA THR A 155 -14.91 -21.53 5.87
C THR A 155 -16.03 -21.51 6.89
N ASP A 156 -16.90 -20.51 6.86
CA ASP A 156 -17.97 -20.35 7.88
C ASP A 156 -19.15 -21.30 7.61
N ALA A 157 -20.23 -21.13 8.37
CA ALA A 157 -21.41 -22.02 8.22
C ALA A 157 -22.37 -21.40 7.20
N HIS A 158 -21.92 -20.41 6.45
CA HIS A 158 -22.74 -19.85 5.35
C HIS A 158 -21.96 -20.11 4.06
N GLY A 159 -20.92 -20.94 4.15
CA GLY A 159 -20.12 -21.30 2.97
C GLY A 159 -19.05 -20.27 2.66
N GLN A 160 -18.82 -19.31 3.54
CA GLN A 160 -17.88 -18.24 3.19
C GLN A 160 -16.48 -18.59 3.70
N PRO A 161 -15.41 -18.42 2.87
CA PRO A 161 -14.03 -18.45 3.33
C PRO A 161 -13.82 -17.24 4.21
N TYR A 162 -13.01 -17.37 5.26
CA TYR A 162 -12.65 -16.24 6.15
C TYR A 162 -11.17 -16.33 6.50
N LEU A 163 -10.61 -15.20 6.94
CA LEU A 163 -9.32 -15.15 7.66
C LEU A 163 -9.50 -14.28 8.90
N VAL A 164 -8.84 -14.62 10.00
CA VAL A 164 -8.67 -13.71 11.17
C VAL A 164 -7.21 -13.25 11.17
N ALA A 165 -6.99 -11.96 11.36
CA ALA A 165 -5.67 -11.31 11.34
C ALA A 165 -5.60 -10.33 12.51
N GLU A 166 -4.40 -9.94 12.92
CA GLU A 166 -4.20 -8.85 13.91
C GLU A 166 -4.87 -7.58 13.37
N TYR A 167 -5.54 -6.81 14.23
CA TYR A 167 -6.06 -5.51 13.87
C TYR A 167 -5.02 -4.46 14.24
N LEU A 168 -4.65 -3.58 13.29
CA LEU A 168 -3.66 -2.55 13.56
C LEU A 168 -4.39 -1.21 13.70
N ARG A 169 -4.27 -0.60 14.88
CA ARG A 169 -4.62 0.80 15.02
C ARG A 169 -3.67 1.59 14.11
N GLY A 170 -4.20 2.68 13.53
CA GLY A 170 -3.38 3.62 12.81
C GLY A 170 -4.23 4.40 11.83
N GLU A 171 -3.59 5.37 11.18
CA GLU A 171 -4.24 6.23 10.23
C GLU A 171 -3.52 6.09 8.91
N PRO A 172 -4.21 6.36 7.77
CA PRO A 172 -3.55 6.28 6.45
C PRO A 172 -2.24 7.07 6.45
N ILE A 173 -1.18 6.49 5.90
CA ILE A 173 0.16 7.07 6.01
C ILE A 173 0.20 8.54 5.58
N THR A 174 -0.42 8.88 4.45
CA THR A 174 -0.29 10.22 3.90
C THR A 174 -0.95 11.23 4.83
N TRP A 175 -2.16 10.89 5.31
CA TRP A 175 -2.91 11.74 6.22
C TRP A 175 -2.17 11.92 7.54
N TRP A 176 -1.58 10.84 8.05
CA TRP A 176 -0.85 10.85 9.31
C TRP A 176 0.37 11.80 9.25
N CYS A 177 1.14 11.69 8.19
CA CYS A 177 2.34 12.49 8.04
C CYS A 177 1.98 13.98 7.97
N ASP A 178 0.88 14.31 7.28
CA ASP A 178 0.39 15.69 7.19
C ASP A 178 -0.01 16.20 8.58
N GLU A 179 -0.73 15.39 9.34
CA GLU A 179 -1.26 15.78 10.62
C GLU A 179 -0.12 16.03 11.62
N HIS A 180 0.95 15.24 11.54
CA HIS A 180 2.04 15.36 12.48
C HIS A 180 3.17 16.20 11.89
N ARG A 181 2.96 16.75 10.68
CA ARG A 181 3.82 17.74 10.05
C ARG A 181 5.24 17.25 9.87
N LEU A 182 5.42 16.00 9.40
CA LEU A 182 6.73 15.42 9.19
C LEU A 182 7.51 16.10 8.06
N SER A 183 8.81 16.24 8.30
CA SER A 183 9.74 16.70 7.28
C SER A 183 9.82 15.65 6.17
N LEU A 184 10.33 16.06 5.00
CA LEU A 184 10.69 15.14 3.93
C LEU A 184 11.60 14.04 4.47
N HIS A 185 12.53 14.42 5.35
CA HIS A 185 13.49 13.44 5.88
C HIS A 185 12.80 12.38 6.72
N ALA A 186 11.88 12.79 7.60
CA ALA A 186 11.15 11.83 8.41
C ALA A 186 10.19 11.00 7.54
N ARG A 187 9.64 11.61 6.49
CA ARG A 187 8.77 10.91 5.54
C ARG A 187 9.56 9.81 4.82
N VAL A 188 10.80 10.12 4.42
CA VAL A 188 11.60 9.17 3.69
C VAL A 188 11.98 8.01 4.60
N LEU A 189 12.27 8.30 5.87
CA LEU A 189 12.54 7.25 6.85
C LEU A 189 11.36 6.28 6.96
N LEU A 190 10.14 6.82 7.00
CA LEU A 190 8.94 5.98 7.01
C LEU A 190 8.77 5.22 5.69
N MET A 191 9.16 5.82 4.56
CA MET A 191 9.14 5.15 3.27
C MET A 191 10.06 3.93 3.31
N LEU A 192 11.27 4.10 3.87
CA LEU A 192 12.17 2.96 4.03
C LEU A 192 11.50 1.83 4.81
N ARG A 193 10.86 2.17 5.94
CA ARG A 193 10.22 1.17 6.79
C ARG A 193 9.07 0.45 6.07
N VAL A 194 8.29 1.19 5.26
CA VAL A 194 7.20 0.61 4.49
C VAL A 194 7.79 -0.30 3.41
N GLY A 195 8.87 0.15 2.78
CA GLY A 195 9.55 -0.59 1.72
C GLY A 195 10.16 -1.86 2.23
N GLU A 196 10.56 -1.88 3.49
CA GLU A 196 11.25 -3.06 4.10
C GLU A 196 10.21 -4.16 4.37
N ALA A 197 9.00 -3.77 4.75
CA ALA A 197 7.85 -4.68 4.97
C ALA A 197 7.45 -5.29 3.63
N VAL A 198 7.31 -4.49 2.58
CA VAL A 198 6.88 -4.98 1.25
C VAL A 198 8.00 -5.86 0.70
N GLN A 199 9.27 -5.56 0.98
CA GLN A 199 10.43 -6.32 0.49
C GLN A 199 10.44 -7.68 1.18
N HIS A 200 10.04 -7.73 2.44
CA HIS A 200 10.01 -8.98 3.23
C HIS A 200 8.95 -9.89 2.63
N ALA A 201 7.78 -9.36 2.29
CA ALA A 201 6.72 -10.14 1.65
C ALA A 201 7.16 -10.65 0.27
N HIS A 202 7.79 -9.79 -0.55
CA HIS A 202 8.32 -10.25 -1.83
C HIS A 202 9.26 -11.44 -1.67
N GLN A 203 10.18 -11.35 -0.71
CA GLN A 203 11.12 -12.44 -0.45
C GLN A 203 10.42 -13.72 -0.02
N LYS A 204 9.23 -13.65 0.57
CA LYS A 204 8.51 -14.87 0.92
C LYS A 204 7.51 -15.24 -0.18
N GLY A 205 7.64 -14.66 -1.38
CA GLY A 205 6.80 -14.99 -2.52
C GLY A 205 5.39 -14.40 -2.46
N VAL A 206 5.20 -13.29 -1.75
CA VAL A 206 3.87 -12.70 -1.64
C VAL A 206 3.89 -11.28 -2.24
N ILE A 207 2.89 -10.99 -3.07
CA ILE A 207 2.74 -9.68 -3.67
C ILE A 207 1.41 -9.11 -3.17
N HIS A 208 1.41 -7.84 -2.75
CA HIS A 208 0.26 -7.23 -2.11
C HIS A 208 -0.84 -6.97 -3.13
N ARG A 209 -0.48 -6.23 -4.17
CA ARG A 209 -1.33 -5.94 -5.31
C ARG A 209 -2.32 -4.83 -5.04
N ASP A 210 -2.44 -4.32 -3.81
CA ASP A 210 -3.38 -3.22 -3.59
C ASP A 210 -2.87 -2.19 -2.59
N LEU A 211 -1.59 -1.84 -2.68
CA LEU A 211 -0.99 -0.86 -1.80
C LEU A 211 -1.54 0.53 -2.12
N LYS A 212 -1.88 1.25 -1.05
CA LYS A 212 -2.54 2.55 -1.10
C LYS A 212 -2.63 3.04 0.35
N PRO A 213 -2.78 4.36 0.60
CA PRO A 213 -2.69 4.88 1.97
C PRO A 213 -3.56 4.15 2.99
N SER A 214 -4.79 3.77 2.60
CA SER A 214 -5.68 3.14 3.55
C SER A 214 -5.23 1.71 3.90
N ASN A 215 -4.28 1.15 3.15
CA ASN A 215 -3.74 -0.15 3.52
C ASN A 215 -2.35 -0.01 4.14
N VAL A 216 -1.90 1.23 4.38
CA VAL A 216 -0.61 1.44 5.04
C VAL A 216 -0.82 2.40 6.20
N LEU A 217 -0.98 1.84 7.40
CA LEU A 217 -1.39 2.63 8.55
C LEU A 217 -0.17 2.97 9.39
N VAL A 218 -0.25 4.12 10.07
CA VAL A 218 0.85 4.56 10.92
C VAL A 218 0.27 4.85 12.29
N SER A 219 1.01 4.45 13.33
CA SER A 219 0.85 4.95 14.69
C SER A 219 2.21 5.20 15.30
N GLU A 220 2.23 5.87 16.45
CA GLU A 220 3.47 6.12 17.24
C GLU A 220 3.61 5.01 18.28
N ILE A 221 4.73 4.31 18.25
CA ILE A 221 5.05 3.15 19.13
C ILE A 221 6.48 3.34 19.67
N ASP A 222 6.60 3.62 20.97
CA ASP A 222 7.89 3.83 21.67
C ASP A 222 8.52 5.08 21.10
N GLY A 223 7.68 6.07 20.77
CA GLY A 223 8.12 7.37 20.27
C GLY A 223 8.32 7.40 18.76
N ARG A 224 8.30 6.25 18.08
CA ARG A 224 8.57 6.35 16.65
C ARG A 224 7.33 6.04 15.80
N PRO A 225 7.16 6.78 14.68
CA PRO A 225 6.21 6.38 13.66
C PRO A 225 6.61 5.02 13.11
N MET A 226 5.65 4.10 13.19
CA MET A 226 5.83 2.69 12.77
C MET A 226 4.67 2.31 11.83
N PRO A 227 4.95 1.82 10.60
CA PRO A 227 3.88 1.48 9.67
C PRO A 227 3.30 0.08 9.85
N GLY A 228 2.07 -0.14 9.37
CA GLY A 228 1.44 -1.46 9.31
C GLY A 228 0.82 -1.66 7.92
N VAL A 229 1.27 -2.71 7.21
CA VAL A 229 0.75 -3.02 5.88
C VAL A 229 -0.33 -4.08 6.04
N ILE A 230 -1.55 -3.78 5.59
CA ILE A 230 -2.70 -4.64 5.81
C ILE A 230 -3.39 -4.98 4.49
N ASP A 231 -4.19 -6.07 4.56
CA ASP A 231 -5.17 -6.44 3.55
C ASP A 231 -4.44 -6.80 2.27
N PHE A 232 -3.49 -7.72 2.36
CA PHE A 232 -2.84 -8.27 1.18
C PHE A 232 -3.88 -8.86 0.24
N GLY A 233 -3.66 -8.77 -1.07
CA GLY A 233 -4.56 -9.46 -1.99
C GLY A 233 -4.36 -10.97 -1.90
N ILE A 234 -5.45 -11.74 -1.76
CA ILE A 234 -5.34 -13.18 -1.71
C ILE A 234 -6.22 -13.76 -2.81
N ALA A 235 -5.58 -14.55 -3.68
CA ALA A 235 -6.21 -15.27 -4.77
C ALA A 235 -6.96 -14.33 -5.72
N VAL A 236 -6.41 -13.13 -5.93
CA VAL A 236 -7.15 -12.07 -6.70
C VAL A 236 -7.42 -12.51 -8.15
N ASP A 237 -6.59 -13.38 -8.72
CA ASP A 237 -6.76 -13.74 -10.15
C ASP A 237 -7.72 -14.92 -10.30
N ALA A 238 -8.11 -15.55 -9.19
CA ALA A 238 -8.95 -16.77 -9.27
C ALA A 238 -10.41 -16.45 -8.97
N THR A 239 -10.76 -15.16 -8.89
CA THR A 239 -12.11 -14.85 -8.47
C THR A 239 -13.06 -15.12 -9.63
N ASN A 240 -14.28 -15.56 -9.24
CA ASN A 240 -15.43 -15.64 -10.11
C ASN A 240 -15.50 -14.35 -10.93
N PRO A 241 -15.32 -14.41 -12.27
CA PRO A 241 -15.40 -13.21 -13.12
C PRO A 241 -16.80 -12.71 -13.48
N GLY A 242 -17.83 -13.49 -13.13
CA GLY A 242 -19.20 -13.00 -13.13
C GLY A 242 -19.44 -11.96 -12.04
N MET A 243 -18.42 -11.71 -11.19
CA MET A 243 -18.49 -10.73 -10.12
C MET A 243 -17.55 -9.55 -10.46
N HIS A 247 -15.36 0.92 -12.67
CA HIS A 247 -14.91 1.02 -11.26
C HIS A 247 -14.75 -0.37 -10.65
N ASP A 248 -13.62 -1.03 -10.92
CA ASP A 248 -13.36 -2.38 -10.34
C ASP A 248 -11.89 -2.52 -9.99
N ARG A 249 -11.46 -3.71 -9.55
CA ARG A 249 -10.02 -3.96 -9.25
C ARG A 249 -9.50 -2.88 -8.31
N GLY A 250 -8.27 -2.37 -8.52
CA GLY A 250 -7.70 -1.41 -7.59
C GLY A 250 -8.03 0.04 -7.94
N THR A 251 -7.21 0.95 -7.40
CA THR A 251 -7.46 2.37 -7.41
C THR A 251 -6.61 3.06 -8.48
N PRO A 252 -7.22 3.76 -9.44
CA PRO A 252 -6.43 4.49 -10.45
C PRO A 252 -5.48 5.46 -9.74
N GLY A 253 -4.24 5.54 -10.23
CA GLY A 253 -3.22 6.34 -9.58
C GLY A 253 -2.21 5.47 -8.82
N TYR A 254 -2.71 4.49 -8.05
CA TYR A 254 -1.87 3.58 -7.29
C TYR A 254 -1.63 2.30 -8.07
N MET A 255 -2.67 1.78 -8.74
CA MET A 255 -2.55 0.55 -9.51
C MET A 255 -1.68 0.77 -10.75
N SER A 256 -0.90 -0.25 -11.11
CA SER A 256 0.04 -0.12 -12.21
C SER A 256 -0.72 -0.21 -13.53
N PRO A 257 -0.19 0.34 -14.65
CA PRO A 257 -0.86 0.20 -15.93
C PRO A 257 -1.15 -1.25 -16.26
N GLU A 258 -0.20 -2.14 -15.99
CA GLU A 258 -0.38 -3.58 -16.32
C GLU A 258 -1.64 -4.09 -15.62
N GLN A 259 -1.79 -3.79 -14.32
CA GLN A 259 -2.97 -4.24 -13.57
C GLN A 259 -4.22 -3.60 -14.16
N ALA A 260 -4.13 -2.32 -14.54
CA ALA A 260 -5.28 -1.61 -15.06
C ALA A 260 -5.72 -2.17 -16.40
N ARG A 261 -4.79 -2.76 -17.17
CA ARG A 261 -5.12 -3.36 -18.46
C ARG A 261 -5.54 -4.83 -18.28
N GLY A 262 -5.64 -5.30 -17.03
CA GLY A 262 -6.15 -6.62 -16.73
C GLY A 262 -5.11 -7.71 -17.04
N ALA A 263 -3.83 -7.36 -16.90
CA ALA A 263 -2.75 -8.19 -17.41
C ALA A 263 -2.60 -9.44 -16.55
N GLN A 264 -2.15 -10.52 -17.23
CA GLN A 264 -1.82 -11.80 -16.62
C GLN A 264 -0.60 -11.64 -15.71
N ASP A 265 0.50 -11.13 -16.27
CA ASP A 265 1.78 -11.07 -15.59
C ASP A 265 1.88 -9.84 -14.69
N VAL A 266 1.26 -9.92 -13.50
CA VAL A 266 1.41 -8.90 -12.44
C VAL A 266 2.36 -9.45 -11.38
N ASP A 267 3.46 -8.72 -11.15
CA ASP A 267 4.55 -9.21 -10.31
C ASP A 267 4.92 -8.11 -9.32
N ALA A 268 6.11 -8.25 -8.71
CA ALA A 268 6.58 -7.36 -7.66
C ALA A 268 6.65 -5.91 -8.15
N ARG A 269 6.89 -5.71 -9.45
CA ARG A 269 7.02 -4.39 -10.02
C ARG A 269 5.72 -3.57 -9.95
N SER A 270 4.59 -4.26 -9.78
CA SER A 270 3.29 -3.57 -9.59
C SER A 270 3.22 -2.96 -8.19
N ASP A 271 3.71 -3.67 -7.18
CA ASP A 271 3.82 -3.11 -5.84
C ASP A 271 4.79 -1.91 -5.87
N ILE A 272 5.88 -2.04 -6.63
CA ILE A 272 6.85 -0.96 -6.78
C ILE A 272 6.15 0.29 -7.34
N TYR A 273 5.30 0.11 -8.36
CA TYR A 273 4.56 1.23 -8.94
C TYR A 273 3.70 1.90 -7.86
N ALA A 274 2.91 1.11 -7.12
CA ALA A 274 2.06 1.62 -6.05
C ALA A 274 2.84 2.33 -4.94
N LEU A 275 4.00 1.81 -4.54
CA LEU A 275 4.87 2.53 -3.61
C LEU A 275 5.29 3.88 -4.18
N GLY A 276 5.57 3.90 -5.49
CA GLY A 276 5.99 5.11 -6.15
C GLY A 276 4.92 6.19 -6.06
N ALA A 277 3.66 5.78 -6.27
CA ALA A 277 2.52 6.65 -6.25
C ALA A 277 2.27 7.16 -4.83
N MET A 278 2.37 6.28 -3.84
CA MET A 278 2.27 6.71 -2.45
C MET A 278 3.38 7.71 -2.07
N PHE A 279 4.62 7.40 -2.46
CA PHE A 279 5.78 8.22 -2.12
C PHE A 279 5.68 9.58 -2.82
N TYR A 280 5.07 9.62 -4.02
CA TYR A 280 4.83 10.86 -4.73
C TYR A 280 3.96 11.76 -3.85
N GLU A 281 2.86 11.21 -3.34
CA GLU A 281 1.94 11.99 -2.50
C GLU A 281 2.60 12.42 -1.18
N LEU A 282 3.30 11.52 -0.50
CA LEU A 282 4.07 11.91 0.69
C LEU A 282 5.01 13.10 0.41
N SER A 283 5.64 13.13 -0.78
CA SER A 283 6.69 14.13 -1.12
C SER A 283 6.15 15.51 -1.52
N CYS A 284 5.15 15.62 -2.38
CA CYS A 284 4.65 16.91 -2.91
C CYS A 284 3.21 17.20 -2.49
N GLY A 285 2.52 16.27 -1.84
CA GLY A 285 1.15 16.49 -1.34
C GLY A 285 0.11 16.56 -2.44
N LEU A 286 0.41 16.04 -3.63
CA LEU A 286 -0.45 16.11 -4.80
C LEU A 286 -0.47 14.72 -5.44
N ALA A 287 -1.60 14.37 -6.05
CA ALA A 287 -1.73 13.05 -6.62
C ALA A 287 -0.92 12.99 -7.92
N PRO A 288 -0.31 11.83 -8.22
CA PRO A 288 0.27 11.58 -9.54
C PRO A 288 -0.80 11.46 -10.62
N VAL A 289 -0.72 12.29 -11.67
CA VAL A 289 -1.66 12.21 -12.76
C VAL A 289 -0.89 11.85 -14.03
N ALA A 290 -1.07 10.61 -14.51
CA ALA A 290 -0.39 10.15 -15.70
C ALA A 290 -0.85 11.00 -16.88
N GLY A 291 0.10 11.71 -17.53
CA GLY A 291 -0.18 12.52 -18.72
C GLY A 291 -0.22 11.65 -19.97
N ARG A 292 -0.27 12.25 -21.16
CA ARG A 292 -0.47 11.49 -22.44
C ARG A 292 0.49 10.32 -22.59
N ASP A 293 1.73 10.45 -22.09
CA ASP A 293 2.76 9.39 -22.25
C ASP A 293 2.73 8.42 -21.07
N GLY A 294 1.71 8.49 -20.21
CA GLY A 294 1.48 7.51 -19.14
C GLY A 294 2.40 7.75 -17.96
N VAL A 295 2.97 8.95 -17.86
CA VAL A 295 3.94 9.33 -16.78
C VAL A 295 3.48 10.64 -16.14
N PRO A 296 3.46 10.76 -14.79
CA PRO A 296 3.17 12.03 -14.14
C PRO A 296 4.28 13.07 -14.30
N GLN A 297 3.95 14.33 -14.11
CA GLN A 297 4.95 15.37 -13.95
C GLN A 297 5.85 15.04 -12.78
N PRO A 298 7.16 15.45 -12.76
CA PRO A 298 7.97 15.35 -11.55
C PRO A 298 7.29 16.09 -10.41
N PRO A 299 7.37 15.57 -9.15
CA PRO A 299 6.79 16.25 -8.00
C PRO A 299 7.13 17.72 -7.94
N SER A 300 8.38 18.09 -8.21
CA SER A 300 8.82 19.47 -8.10
C SER A 300 7.99 20.37 -9.02
N GLN A 301 7.79 19.93 -10.27
CA GLN A 301 7.02 20.71 -11.22
C GLN A 301 5.54 20.71 -10.87
N ARG A 302 5.04 19.64 -10.26
CA ARG A 302 3.61 19.55 -9.87
C ARG A 302 3.31 20.63 -8.81
N VAL A 303 4.13 20.71 -7.75
CA VAL A 303 3.89 21.68 -6.64
C VAL A 303 4.18 23.10 -7.13
N ALA A 304 5.00 23.24 -8.17
CA ALA A 304 5.34 24.57 -8.74
C ALA A 304 4.13 25.13 -9.48
N ALA A 305 3.32 24.28 -10.12
CA ALA A 305 2.18 24.74 -10.89
C ALA A 305 0.95 25.13 -10.03
N VAL A 306 0.83 24.67 -8.78
CA VAL A 306 -0.42 24.84 -8.04
C VAL A 306 -0.52 26.26 -7.50
N PRO A 307 -1.72 26.79 -7.14
CA PRO A 307 -1.83 28.16 -6.63
C PRO A 307 -1.23 28.33 -5.24
N ALA A 308 -1.12 29.58 -4.77
CA ALA A 308 -0.27 29.92 -3.64
C ALA A 308 -0.81 29.31 -2.34
N ASP A 309 -2.14 29.25 -2.24
CA ASP A 309 -2.81 28.69 -1.07
C ASP A 309 -2.52 27.18 -0.93
N ALA A 310 -2.64 26.42 -2.03
CA ALA A 310 -2.29 25.00 -2.03
C ALA A 310 -0.82 24.83 -1.65
N ARG A 311 0.06 25.65 -2.25
CA ARG A 311 1.48 25.64 -1.96
C ARG A 311 1.76 25.83 -0.47
N ALA A 312 1.16 26.85 0.16
CA ALA A 312 1.35 27.12 1.59
C ALA A 312 0.96 25.92 2.43
N ARG A 313 -0.21 25.31 2.18
CA ARG A 313 -0.64 24.16 2.96
C ARG A 313 0.34 22.99 2.79
N ILE A 314 0.80 22.73 1.57
CA ILE A 314 1.70 21.60 1.35
C ILE A 314 3.01 21.80 2.14
N CYS A 315 3.52 23.04 2.13
CA CYS A 315 4.80 23.37 2.76
C CYS A 315 4.68 23.37 4.28
N ALA A 316 3.56 23.85 4.82
CA ALA A 316 3.35 23.75 6.25
C ALA A 316 3.28 22.28 6.71
N ALA A 317 2.65 21.40 5.94
CA ALA A 317 2.51 20.01 6.33
C ALA A 317 3.85 19.25 6.26
N ARG A 318 4.87 19.86 5.65
CA ARG A 318 6.20 19.29 5.58
C ARG A 318 7.25 20.17 6.30
N ALA A 319 6.82 21.13 7.12
CA ALA A 319 7.71 21.98 7.91
C ALA A 319 8.86 22.55 7.09
N THR A 320 8.58 23.17 5.93
CA THR A 320 9.59 23.68 5.00
C THR A 320 9.06 24.90 4.23
N THR A 321 9.97 25.62 3.58
CA THR A 321 9.62 26.67 2.63
C THR A 321 9.42 26.02 1.27
N TYR A 322 8.66 26.70 0.41
CA TYR A 322 8.47 26.26 -0.96
C TYR A 322 9.81 26.04 -1.66
N GLN A 323 10.72 27.01 -1.57
CA GLN A 323 12.01 26.91 -2.29
C GLN A 323 12.83 25.69 -1.84
N LYS A 324 12.88 25.41 -0.54
CA LYS A 324 13.64 24.26 -0.02
C LYS A 324 12.95 22.96 -0.46
N LEU A 325 11.62 22.94 -0.40
CA LEU A 325 10.85 21.76 -0.85
C LEU A 325 11.20 21.50 -2.32
N HIS A 326 11.11 22.54 -3.15
CA HIS A 326 11.40 22.38 -4.60
C HIS A 326 12.80 21.83 -4.82
N GLU A 327 13.79 22.36 -4.09
CA GLU A 327 15.20 21.94 -4.26
C GLU A 327 15.38 20.48 -3.78
N GLN A 328 14.83 20.14 -2.63
CA GLN A 328 15.05 18.78 -2.06
C GLN A 328 14.40 17.74 -2.98
N LEU A 329 13.25 18.07 -3.56
CA LEU A 329 12.63 17.17 -4.52
C LEU A 329 13.50 17.02 -5.77
N ARG A 330 13.96 18.14 -6.30
CA ARG A 330 14.85 18.15 -7.45
C ARG A 330 16.14 17.39 -7.15
N ASP A 331 16.61 17.38 -5.90
CA ASP A 331 17.88 16.74 -5.49
C ASP A 331 17.87 15.22 -5.70
N GLY A 332 16.71 14.58 -5.74
CA GLY A 332 16.66 13.14 -6.02
C GLY A 332 15.32 12.48 -5.83
N LEU A 333 14.41 13.05 -5.04
CA LEU A 333 13.12 12.37 -4.77
C LEU A 333 12.32 12.32 -6.07
N ASP A 334 12.40 13.34 -6.91
CA ASP A 334 11.72 13.35 -8.23
C ASP A 334 12.14 12.11 -9.02
N ALA A 335 13.44 11.95 -9.22
CA ALA A 335 13.97 10.82 -10.02
C ALA A 335 13.53 9.47 -9.43
N ILE A 336 13.62 9.32 -8.11
CA ILE A 336 13.28 8.03 -7.47
C ILE A 336 11.79 7.71 -7.71
N VAL A 337 10.90 8.66 -7.42
CA VAL A 337 9.45 8.39 -7.56
C VAL A 337 9.09 8.20 -9.05
N LEU A 338 9.74 8.93 -9.95
CA LEU A 338 9.49 8.73 -11.37
C LEU A 338 10.02 7.38 -11.87
N ARG A 339 11.16 6.91 -11.35
CA ARG A 339 11.61 5.59 -11.77
C ARG A 339 10.56 4.54 -11.35
N ALA A 340 10.02 4.67 -10.13
CA ALA A 340 9.06 3.71 -9.60
C ALA A 340 7.77 3.75 -10.40
N LEU A 341 7.48 4.89 -11.04
CA LEU A 341 6.23 5.15 -11.74
C LEU A 341 6.42 5.06 -13.25
N GLU A 342 7.56 4.50 -13.69
CA GLU A 342 7.80 4.21 -15.13
C GLU A 342 6.63 3.39 -15.68
N PRO A 343 5.96 3.80 -16.77
CA PRO A 343 4.81 3.07 -17.27
C PRO A 343 5.13 1.64 -17.68
N GLN A 344 6.37 1.40 -18.11
CA GLN A 344 6.86 0.06 -18.51
C GLN A 344 7.58 -0.61 -17.33
N PRO A 345 7.16 -1.83 -16.90
CA PRO A 345 7.83 -2.54 -15.83
C PRO A 345 9.32 -2.69 -16.04
N GLY A 346 9.74 -2.92 -17.28
CA GLY A 346 11.15 -3.07 -17.62
C GLY A 346 11.99 -1.82 -17.33
N ALA A 347 11.38 -0.65 -17.25
CA ALA A 347 12.11 0.61 -17.01
C ALA A 347 12.01 0.99 -15.54
N ARG A 348 11.27 0.13 -14.76
CA ARG A 348 11.05 0.46 -13.34
C ARG A 348 12.15 -0.21 -12.52
N TYR A 349 12.23 0.17 -11.21
CA TYR A 349 13.13 -0.57 -10.30
C TYR A 349 12.76 -2.06 -10.43
N ALA A 350 13.76 -2.93 -10.53
CA ALA A 350 13.52 -4.36 -10.63
C ALA A 350 13.09 -4.96 -9.29
N SER A 351 13.41 -4.29 -8.19
CA SER A 351 13.12 -4.84 -6.86
C SER A 351 12.90 -3.68 -5.91
N VAL A 352 12.17 -3.94 -4.82
CA VAL A 352 11.96 -2.94 -3.75
C VAL A 352 13.32 -2.69 -3.10
N SER A 353 14.25 -3.64 -3.21
CA SER A 353 15.62 -3.49 -2.66
C SER A 353 16.38 -2.39 -3.39
N ALA A 354 16.21 -2.28 -4.71
CA ALA A 354 16.85 -1.23 -5.52
C ALA A 354 16.22 0.12 -5.18
N LEU A 355 14.90 0.16 -5.00
CA LEU A 355 14.24 1.41 -4.58
C LEU A 355 14.77 1.89 -3.21
N LEU A 356 14.89 0.97 -2.26
CA LEU A 356 15.39 1.32 -0.91
C LEU A 356 16.82 1.91 -0.99
N ASP A 357 17.68 1.30 -1.79
CA ASP A 357 19.09 1.78 -1.94
C ASP A 357 19.12 3.25 -2.38
N ASP A 358 18.25 3.64 -3.30
CA ASP A 358 18.22 5.04 -3.80
C ASP A 358 17.67 5.96 -2.72
N LEU A 359 16.70 5.49 -1.92
CA LEU A 359 16.10 6.31 -0.83
C LEU A 359 17.18 6.58 0.23
N HIS A 360 18.01 5.59 0.53
CA HIS A 360 19.10 5.69 1.53
C HIS A 360 20.19 6.62 1.01
N ARG A 361 20.44 6.58 -0.33
CA ARG A 361 21.47 7.47 -0.93
C ARG A 361 20.99 8.92 -0.85
N TRP A 362 19.72 9.15 -1.03
CA TRP A 362 19.14 10.51 -0.91
C TRP A 362 19.30 10.95 0.54
N LEU A 363 18.99 10.10 1.51
CA LEU A 363 19.06 10.54 2.92
C LEU A 363 20.51 10.80 3.30
N ASP A 364 21.44 10.04 2.73
CA ASP A 364 22.87 10.15 3.10
C ASP A 364 23.58 11.21 2.25
#